data_3QAO
#
_entry.id   3QAO
#
_cell.length_a   56.769
_cell.length_b   56.769
_cell.length_c   113.108
_cell.angle_alpha   90.00
_cell.angle_beta   90.00
_cell.angle_gamma   120.00
#
_symmetry.space_group_name_H-M   'P 32 2 1'
#
loop_
_entity.id
_entity.type
_entity.pdbx_description
1 polymer 'MerR-like transcriptional regulator'
2 non-polymer GLYCEROL
3 water water
#
_entity_poly.entity_id   1
_entity_poly.type   'polypeptide(L)'
_entity_poly.pdbx_seq_one_letter_code
;SNA(MSE)QIKELAELTGVSVRTLHHYDKIGLLVPQKDDWNGYRIYSEKDVDKLQQILFFKELDFPLKKIQQILDDPLFD
KNVALD(MSE)QRHLLIEKKQRIET(MSE)LATLDLTIKNEKGEIT(MSE)TNKEKFTGFDFSSNPYEEEARKLWGDKVV
EKANEKVNN(MSE)SEKEQLTLKESFDAEFRHLASVRKLTPESEEAQLEIDHFFHYLNDTHGNIYSLEAFASLGE(MSE)
YVNDERFTKNIDQFGDGLSQFLQEA(MSE)TIYAKNK
;
_entity_poly.pdbx_strand_id   A
#
loop_
_chem_comp.id
_chem_comp.type
_chem_comp.name
_chem_comp.formula
GOL non-polymer GLYCEROL 'C3 H8 O3'
#
# COMPACT_ATOMS: atom_id res chain seq x y z
N SER A 1 -15.29 19.36 -9.68
CA SER A 1 -15.54 20.24 -8.55
C SER A 1 -15.02 19.61 -7.26
N ASN A 2 -15.24 20.31 -6.15
CA ASN A 2 -14.80 19.86 -4.83
C ASN A 2 -15.90 19.21 -4.02
N ALA A 3 -16.86 18.58 -4.69
CA ALA A 3 -17.98 17.97 -3.98
C ALA A 3 -18.29 16.58 -4.54
N MSE A 4 -17.28 15.75 -4.66
CA MSE A 4 -17.48 14.37 -5.07
C MSE A 4 -18.06 13.59 -3.91
O MSE A 4 -17.54 13.63 -2.80
CB MSE A 4 -16.18 13.73 -5.53
CG MSE A 4 -16.34 12.26 -5.89
SE MSE A 4 -14.74 11.47 -6.69
CE MSE A 4 -14.43 12.74 -8.13
N GLN A 5 -19.14 12.85 -4.17
CA GLN A 5 -19.76 12.09 -3.10
C GLN A 5 -19.15 10.68 -2.98
N ILE A 6 -19.41 10.03 -1.85
CA ILE A 6 -18.66 8.83 -1.48
C ILE A 6 -18.81 7.68 -2.49
N LYS A 7 -20.01 7.48 -3.02
CA LYS A 7 -20.20 6.41 -3.99
C LYS A 7 -19.34 6.59 -5.23
N GLU A 8 -19.26 7.82 -5.70
CA GLU A 8 -18.45 8.18 -6.85
C GLU A 8 -16.96 7.94 -6.58
N LEU A 9 -16.50 8.37 -5.42
CA LEU A 9 -15.12 8.16 -5.04
C LEU A 9 -14.80 6.65 -4.96
N ALA A 10 -15.72 5.89 -4.37
CA ALA A 10 -15.52 4.44 -4.29
C ALA A 10 -15.41 3.82 -5.69
N GLU A 11 -16.24 4.26 -6.63
CA GLU A 11 -16.18 3.71 -7.98
C GLU A 11 -14.90 4.12 -8.69
N LEU A 12 -14.48 5.37 -8.46
CA LEU A 12 -13.24 5.84 -9.05
C LEU A 12 -12.03 5.03 -8.60
N THR A 13 -11.94 4.81 -7.30
CA THR A 13 -10.71 4.32 -6.70
C THR A 13 -10.65 2.81 -6.48
N GLY A 14 -11.80 2.16 -6.48
CA GLY A 14 -11.86 0.75 -6.15
C GLY A 14 -11.80 0.51 -4.65
N VAL A 15 -11.85 1.60 -3.88
CA VAL A 15 -11.87 1.54 -2.42
C VAL A 15 -13.33 1.46 -1.97
N SER A 16 -13.65 0.53 -1.07
CA SER A 16 -15.03 0.33 -0.66
C SER A 16 -15.55 1.50 0.18
N VAL A 17 -16.86 1.71 0.16
CA VAL A 17 -17.49 2.70 1.03
C VAL A 17 -17.16 2.40 2.50
N ARG A 18 -17.16 1.12 2.88
CA ARG A 18 -16.83 0.74 4.24
CA ARG A 18 -16.83 0.75 4.25
C ARG A 18 -15.43 1.25 4.62
N THR A 19 -14.49 1.13 3.70
CA THR A 19 -13.12 1.57 3.98
C THR A 19 -13.04 3.08 4.08
N LEU A 20 -13.75 3.78 3.20
CA LEU A 20 -13.77 5.24 3.25
C LEU A 20 -14.43 5.75 4.54
N HIS A 21 -15.50 5.07 4.99
CA HIS A 21 -16.11 5.39 6.29
C HIS A 21 -15.10 5.24 7.45
N HIS A 22 -14.33 4.18 7.38
CA HIS A 22 -13.32 3.89 8.38
C HIS A 22 -12.24 4.97 8.41
N TYR A 23 -11.77 5.36 7.22
CA TYR A 23 -10.73 6.39 7.12
C TYR A 23 -11.24 7.71 7.67
N ASP A 24 -12.53 7.96 7.50
CA ASP A 24 -13.15 9.18 8.00
C ASP A 24 -13.19 9.10 9.52
N LYS A 25 -13.71 7.99 10.03
CA LYS A 25 -13.84 7.78 11.46
C LYS A 25 -12.50 7.95 12.22
N ILE A 26 -11.42 7.40 11.68
CA ILE A 26 -10.14 7.43 12.38
C ILE A 26 -9.38 8.73 12.19
N GLY A 27 -9.89 9.59 11.31
CA GLY A 27 -9.29 10.90 11.08
C GLY A 27 -8.22 10.92 10.00
N LEU A 28 -8.14 9.86 9.21
CA LEU A 28 -7.13 9.76 8.16
C LEU A 28 -7.57 10.50 6.87
N LEU A 29 -8.83 10.38 6.52
CA LEU A 29 -9.37 11.07 5.36
C LEU A 29 -10.74 11.63 5.72
N VAL A 30 -10.77 12.91 6.07
CA VAL A 30 -11.97 13.54 6.63
C VAL A 30 -12.52 14.60 5.71
N PRO A 31 -13.50 14.23 4.89
CA PRO A 31 -14.09 15.20 3.95
C PRO A 31 -15.01 16.19 4.67
N GLN A 32 -15.27 17.33 4.05
CA GLN A 32 -16.28 18.26 4.54
C GLN A 32 -17.66 17.62 4.41
N LYS A 33 -18.64 18.10 5.18
CA LYS A 33 -20.03 17.68 5.02
C LYS A 33 -20.78 18.72 4.17
N ASP A 34 -21.71 18.25 3.35
CA ASP A 34 -22.55 19.12 2.53
C ASP A 34 -23.55 19.87 3.41
N ASP A 35 -23.64 21.19 3.22
CA ASP A 35 -24.55 22.01 4.01
C ASP A 35 -26.03 21.71 3.76
N TRP A 36 -26.34 21.09 2.64
CA TRP A 36 -27.74 20.88 2.25
C TRP A 36 -28.29 19.47 2.54
N ASN A 37 -27.47 18.45 2.32
CA ASN A 37 -27.92 17.07 2.57
C ASN A 37 -27.11 16.34 3.65
N GLY A 38 -26.03 16.96 4.11
CA GLY A 38 -25.22 16.37 5.17
C GLY A 38 -24.28 15.28 4.71
N TYR A 39 -24.26 14.99 3.41
CA TYR A 39 -23.35 13.99 2.85
C TYR A 39 -21.90 14.45 2.91
N ARG A 40 -20.99 13.48 3.00
CA ARG A 40 -19.57 13.74 2.77
C ARG A 40 -19.36 14.23 1.36
N ILE A 41 -18.57 15.28 1.23
CA ILE A 41 -18.18 15.74 -0.09
C ILE A 41 -16.65 15.84 -0.15
N TYR A 42 -16.05 15.09 -1.06
CA TYR A 42 -14.60 14.99 -1.16
C TYR A 42 -14.02 15.99 -2.15
N SER A 43 -13.04 16.77 -1.71
CA SER A 43 -12.39 17.74 -2.56
C SER A 43 -11.33 17.10 -3.45
N GLU A 44 -10.85 17.87 -4.42
CA GLU A 44 -9.72 17.45 -5.23
C GLU A 44 -8.49 17.15 -4.34
N LYS A 45 -8.33 17.93 -3.28
CA LYS A 45 -7.24 17.67 -2.33
C LYS A 45 -7.42 16.34 -1.58
N ASP A 46 -8.66 16.05 -1.18
CA ASP A 46 -8.98 14.75 -0.57
C ASP A 46 -8.65 13.60 -1.51
N VAL A 47 -8.96 13.76 -2.79
CA VAL A 47 -8.70 12.72 -3.75
C VAL A 47 -7.20 12.45 -3.89
N ASP A 48 -6.39 13.52 -3.90
CA ASP A 48 -4.94 13.36 -3.96
C ASP A 48 -4.39 12.71 -2.70
N LYS A 49 -4.96 13.07 -1.55
CA LYS A 49 -4.54 12.43 -0.30
C LYS A 49 -4.85 10.93 -0.31
N LEU A 50 -6.04 10.56 -0.76
CA LEU A 50 -6.38 9.14 -0.83
C LEU A 50 -5.37 8.39 -1.73
N GLN A 51 -5.03 8.98 -2.87
CA GLN A 51 -4.05 8.37 -3.77
C GLN A 51 -2.73 8.11 -3.04
N GLN A 52 -2.23 9.08 -2.27
CA GLN A 52 -0.99 8.85 -1.57
C GLN A 52 -1.16 7.80 -0.46
N ILE A 53 -2.32 7.81 0.20
CA ILE A 53 -2.63 6.75 1.19
C ILE A 53 -2.53 5.36 0.52
N LEU A 54 -3.11 5.25 -0.67
CA LEU A 54 -3.11 3.96 -1.37
C LEU A 54 -1.70 3.48 -1.72
N PHE A 55 -0.83 4.41 -2.11
CA PHE A 55 0.57 4.06 -2.33
C PHE A 55 1.23 3.54 -1.04
N PHE A 56 0.94 4.17 0.10
CA PHE A 56 1.49 3.66 1.37
C PHE A 56 0.93 2.28 1.74
N LYS A 57 -0.34 2.04 1.43
CA LYS A 57 -0.93 0.73 1.73
C LYS A 57 -0.32 -0.38 0.85
N GLU A 58 -0.05 -0.07 -0.40
CA GLU A 58 0.66 -1.01 -1.26
C GLU A 58 2.00 -1.41 -0.62
N LEU A 59 2.63 -0.45 0.05
CA LEU A 59 3.93 -0.67 0.68
C LEU A 59 3.81 -1.24 2.10
N ASP A 60 2.62 -1.67 2.47
CA ASP A 60 2.37 -2.30 3.77
C ASP A 60 2.62 -1.40 4.99
N PHE A 61 2.38 -0.11 4.86
CA PHE A 61 2.34 0.77 6.03
C PHE A 61 1.03 0.61 6.78
N PRO A 62 1.08 0.47 8.11
CA PRO A 62 -0.16 0.51 8.89
C PRO A 62 -0.79 1.90 8.87
N LEU A 63 -2.12 1.96 9.02
CA LEU A 63 -2.83 3.23 8.87
C LEU A 63 -2.36 4.28 9.87
N LYS A 64 -2.00 3.83 11.06
CA LYS A 64 -1.53 4.73 12.12
C LYS A 64 -0.27 5.47 11.67
N LYS A 65 0.64 4.76 11.01
CA LYS A 65 1.90 5.35 10.56
C LYS A 65 1.65 6.28 9.39
N ILE A 66 0.77 5.88 8.49
CA ILE A 66 0.40 6.75 7.37
C ILE A 66 -0.14 8.07 7.92
N GLN A 67 -1.01 7.98 8.91
CA GLN A 67 -1.61 9.19 9.47
C GLN A 67 -0.56 10.09 10.11
N GLN A 68 0.40 9.47 10.82
CA GLN A 68 1.50 10.22 11.40
C GLN A 68 2.30 10.95 10.32
N ILE A 69 2.63 10.24 9.25
CA ILE A 69 3.40 10.82 8.15
C ILE A 69 2.65 12.02 7.56
N LEU A 70 1.37 11.80 7.26
CA LEU A 70 0.60 12.83 6.59
C LEU A 70 0.27 14.01 7.49
N ASP A 71 0.16 13.75 8.80
CA ASP A 71 -0.19 14.77 9.79
C ASP A 71 1.03 15.56 10.33
N ASP A 72 2.22 15.10 9.99
CA ASP A 72 3.45 15.72 10.47
C ASP A 72 3.55 17.17 9.96
N PRO A 73 3.83 18.11 10.88
CA PRO A 73 4.00 19.51 10.47
C PRO A 73 5.13 19.65 9.44
N LEU A 74 6.09 18.74 9.46
CA LEU A 74 7.21 18.78 8.53
C LEU A 74 6.92 18.03 7.23
N PHE A 75 5.67 17.62 7.02
CA PHE A 75 5.33 16.83 5.84
C PHE A 75 5.70 17.56 4.57
N ASP A 76 6.43 16.87 3.69
CA ASP A 76 6.83 17.40 2.40
C ASP A 76 6.42 16.38 1.32
N LYS A 77 5.39 16.68 0.54
CA LYS A 77 4.83 15.68 -0.36
C LYS A 77 5.81 15.20 -1.42
N ASN A 78 6.61 16.14 -1.93
CA ASN A 78 7.62 15.82 -2.93
C ASN A 78 8.63 14.81 -2.40
N VAL A 79 9.11 15.07 -1.19
CA VAL A 79 10.06 14.17 -0.55
C VAL A 79 9.42 12.83 -0.25
N ALA A 80 8.19 12.85 0.26
CA ALA A 80 7.49 11.62 0.60
C ALA A 80 7.28 10.74 -0.64
N LEU A 81 6.85 11.35 -1.75
CA LEU A 81 6.64 10.62 -3.00
C LEU A 81 7.92 9.95 -3.51
N ASP A 82 9.02 10.68 -3.43
CA ASP A 82 10.34 10.15 -3.81
C ASP A 82 10.74 8.95 -2.96
N MSE A 83 10.52 9.07 -1.65
CA MSE A 83 10.74 7.95 -0.75
C MSE A 83 9.82 6.76 -1.04
O MSE A 83 10.26 5.61 -1.01
CB MSE A 83 10.60 8.39 0.71
CG MSE A 83 11.61 9.45 1.13
SE MSE A 83 11.26 10.21 2.88
CE MSE A 83 11.65 8.59 3.92
N GLN A 84 8.55 7.04 -1.30
CA GLN A 84 7.64 5.95 -1.68
C GLN A 84 8.11 5.29 -2.96
N ARG A 85 8.63 6.09 -3.90
CA ARG A 85 9.05 5.55 -5.18
C ARG A 85 10.23 4.60 -5.01
N HIS A 86 11.18 5.00 -4.17
CA HIS A 86 12.32 4.13 -3.89
CA HIS A 86 12.32 4.16 -3.84
C HIS A 86 11.86 2.82 -3.27
N LEU A 87 10.92 2.89 -2.34
CA LEU A 87 10.38 1.67 -1.73
C LEU A 87 9.64 0.79 -2.73
N LEU A 88 8.85 1.41 -3.61
CA LEU A 88 8.10 0.64 -4.58
C LEU A 88 9.01 -0.04 -5.62
N ILE A 89 10.10 0.64 -5.98
CA ILE A 89 11.11 0.03 -6.87
C ILE A 89 11.78 -1.16 -6.20
N GLU A 90 12.10 -1.03 -4.92
CA GLU A 90 12.66 -2.15 -4.17
C GLU A 90 11.69 -3.32 -4.11
N LYS A 91 10.41 -3.02 -3.94
CA LYS A 91 9.41 -4.07 -3.92
C LYS A 91 9.35 -4.81 -5.26
N LYS A 92 9.36 -4.06 -6.35
CA LYS A 92 9.41 -4.64 -7.70
C LYS A 92 10.65 -5.53 -7.86
N GLN A 93 11.79 -5.04 -7.40
CA GLN A 93 13.03 -5.81 -7.54
C GLN A 93 13.00 -7.12 -6.74
N ARG A 94 12.37 -7.08 -5.56
CA ARG A 94 12.20 -8.28 -4.75
CA ARG A 94 12.22 -8.28 -4.76
C ARG A 94 11.30 -9.29 -5.46
N ILE A 95 10.27 -8.80 -6.14
CA ILE A 95 9.38 -9.67 -6.88
C ILE A 95 10.08 -10.26 -8.09
N GLU A 96 10.94 -9.48 -8.73
CA GLU A 96 11.75 -9.98 -9.84
C GLU A 96 12.68 -11.09 -9.38
N THR A 97 13.26 -10.91 -8.21
CA THR A 97 14.13 -11.92 -7.60
C THR A 97 13.36 -13.19 -7.25
N MSE A 98 12.15 -13.02 -6.72
CA MSE A 98 11.30 -14.18 -6.43
C MSE A 98 10.86 -14.90 -7.70
O MSE A 98 10.74 -16.13 -7.72
CB MSE A 98 10.09 -13.77 -5.59
CG MSE A 98 10.41 -13.59 -4.12
SE MSE A 98 8.83 -13.07 -3.08
CE MSE A 98 8.39 -11.48 -4.07
N LEU A 99 10.64 -14.15 -8.78
CA LEU A 99 10.30 -14.78 -10.05
C LEU A 99 11.45 -15.59 -10.61
N ALA A 100 12.68 -15.10 -10.45
CA ALA A 100 13.85 -15.85 -10.88
C ALA A 100 13.95 -17.16 -10.08
N THR A 101 13.70 -17.06 -8.78
CA THR A 101 13.76 -18.22 -7.91
C THR A 101 12.68 -19.24 -8.29
N LEU A 102 11.50 -18.73 -8.65
CA LEU A 102 10.39 -19.58 -9.07
C LEU A 102 10.71 -20.31 -10.39
N ASP A 103 11.36 -19.63 -11.32
CA ASP A 103 11.76 -20.25 -12.58
C ASP A 103 12.75 -21.38 -12.35
N LEU A 104 13.70 -21.17 -11.44
CA LEU A 104 14.64 -22.24 -11.06
C LEU A 104 13.89 -23.40 -10.42
N THR A 105 12.93 -23.06 -9.57
CA THR A 105 12.15 -24.08 -8.86
C THR A 105 11.40 -24.96 -9.84
N ILE A 106 10.90 -24.36 -10.90
CA ILE A 106 10.21 -25.10 -11.93
C ILE A 106 11.17 -26.07 -12.64
N LYS A 107 12.39 -25.61 -12.92
CA LYS A 107 13.44 -26.48 -13.47
C LYS A 107 13.84 -27.59 -12.48
N ASN A 108 13.99 -27.21 -11.22
CA ASN A 108 14.26 -28.16 -10.14
C ASN A 108 13.24 -29.29 -10.07
N GLU A 109 11.95 -28.94 -10.17
CA GLU A 109 10.89 -29.94 -10.04
CA GLU A 109 10.87 -29.92 -10.07
C GLU A 109 10.91 -30.93 -11.21
N LYS A 110 11.46 -30.50 -12.34
CA LYS A 110 11.60 -31.35 -13.52
C LYS A 110 12.91 -32.13 -13.55
N GLY A 111 13.80 -31.86 -12.60
CA GLY A 111 15.09 -32.55 -12.55
C GLY A 111 16.19 -32.02 -13.45
N GLU A 112 15.98 -30.85 -14.06
CA GLU A 112 16.99 -30.24 -14.92
C GLU A 112 18.18 -29.69 -14.15
N ILE A 113 17.91 -29.20 -12.94
CA ILE A 113 18.96 -28.67 -12.08
C ILE A 113 18.74 -29.18 -10.67
N THR A 114 19.68 -28.92 -9.79
CA THR A 114 19.43 -29.09 -8.37
C THR A 114 19.64 -27.72 -7.75
N MSE A 115 19.03 -27.49 -6.59
CA MSE A 115 19.17 -26.18 -5.96
C MSE A 115 19.61 -26.38 -4.54
O MSE A 115 19.22 -27.36 -3.90
CB MSE A 115 17.82 -25.43 -5.95
CG MSE A 115 17.28 -25.08 -7.31
SE MSE A 115 15.48 -24.28 -7.16
CE MSE A 115 16.01 -22.53 -6.43
N THR A 116 20.40 -25.45 -4.02
CA THR A 116 20.70 -25.45 -2.60
C THR A 116 19.52 -24.84 -1.84
N ASN A 117 19.44 -25.12 -0.54
CA ASN A 117 18.43 -24.50 0.31
C ASN A 117 18.46 -22.97 0.21
N LYS A 118 19.67 -22.42 0.23
CA LYS A 118 19.83 -20.97 0.13
C LYS A 118 19.18 -20.42 -1.14
N GLU A 119 19.40 -21.10 -2.26
CA GLU A 119 18.81 -20.69 -3.53
C GLU A 119 17.28 -20.74 -3.51
N LYS A 120 16.73 -21.74 -2.84
CA LYS A 120 15.27 -21.91 -2.79
C LYS A 120 14.56 -20.77 -2.07
N PHE A 121 15.26 -20.07 -1.20
CA PHE A 121 14.59 -19.00 -0.45
C PHE A 121 15.08 -17.60 -0.82
N THR A 122 15.87 -17.53 -1.89
CA THR A 122 16.34 -16.24 -2.39
C THR A 122 15.17 -15.37 -2.90
N GLY A 123 15.05 -14.18 -2.33
CA GLY A 123 13.98 -13.28 -2.72
C GLY A 123 12.87 -13.15 -1.69
N PHE A 124 12.84 -14.07 -0.73
CA PHE A 124 11.86 -13.96 0.35
C PHE A 124 12.42 -13.05 1.45
N ASP A 125 11.70 -11.98 1.76
CA ASP A 125 12.19 -11.02 2.73
C ASP A 125 11.10 -10.59 3.70
N PHE A 126 11.26 -10.95 4.97
CA PHE A 126 10.27 -10.66 6.00
C PHE A 126 10.86 -9.79 7.11
N SER A 127 11.83 -8.97 6.77
CA SER A 127 12.47 -8.11 7.75
C SER A 127 12.84 -6.75 7.16
N SER A 128 12.63 -6.61 5.85
CA SER A 128 12.92 -5.36 5.16
C SER A 128 12.12 -4.20 5.73
N ASN A 129 10.80 -4.38 5.76
CA ASN A 129 9.87 -3.37 6.26
C ASN A 129 9.63 -3.55 7.76
N PRO A 130 10.10 -2.59 8.58
CA PRO A 130 10.04 -2.78 10.04
C PRO A 130 8.64 -2.60 10.65
N TYR A 131 7.70 -2.02 9.90
CA TYR A 131 6.33 -1.84 10.39
C TYR A 131 5.46 -3.08 10.14
N GLU A 132 6.00 -4.03 9.39
CA GLU A 132 5.24 -5.22 9.02
CA GLU A 132 5.30 -5.25 9.00
C GLU A 132 5.10 -6.21 10.16
N GLU A 133 3.89 -6.76 10.30
CA GLU A 133 3.60 -7.80 11.28
C GLU A 133 3.72 -9.16 10.60
N GLU A 134 4.39 -10.11 11.25
CA GLU A 134 4.59 -11.43 10.66
C GLU A 134 3.26 -12.13 10.35
N ALA A 135 2.27 -11.92 11.21
CA ALA A 135 0.96 -12.56 11.05
C ALA A 135 0.20 -12.06 9.82
N ARG A 136 0.29 -10.75 9.55
CA ARG A 136 -0.38 -10.17 8.38
C ARG A 136 0.31 -10.61 7.08
N LYS A 137 1.59 -10.94 7.20
CA LYS A 137 2.40 -11.33 6.04
C LYS A 137 2.24 -12.83 5.74
N LEU A 138 2.22 -13.65 6.79
CA LEU A 138 2.34 -15.10 6.65
C LEU A 138 1.26 -15.95 7.34
N TRP A 139 0.25 -15.31 7.94
CA TRP A 139 -0.79 -16.08 8.65
C TRP A 139 -2.17 -15.91 8.05
N GLY A 140 -3.18 -16.15 8.89
CA GLY A 140 -4.57 -15.90 8.58
C GLY A 140 -5.45 -15.88 9.81
C1 GOL B . 8.32 13.23 4.35
O1 GOL B . 7.33 14.17 4.71
C2 GOL B . 9.63 13.54 5.07
O2 GOL B . 9.47 13.47 6.47
C3 GOL B . 10.13 14.92 4.65
O3 GOL B . 9.58 15.90 5.50
C1 GOL C . 16.13 -15.85 2.58
O1 GOL C . 15.75 -14.77 1.77
C2 GOL C . 15.54 -15.67 3.98
O2 GOL C . 14.43 -14.81 3.91
C3 GOL C . 16.60 -15.06 4.89
O3 GOL C . 15.98 -14.15 5.76
C1 GOL D . 17.00 -14.85 -7.48
O1 GOL D . 16.88 -16.24 -7.72
C2 GOL D . 18.35 -14.32 -7.99
O2 GOL D . 18.15 -13.31 -8.95
C3 GOL D . 19.18 -13.77 -6.83
O3 GOL D . 20.37 -14.52 -6.70
C1 GOL E . -3.55 18.21 -9.32
O1 GOL E . -3.39 17.28 -8.28
C2 GOL E . -2.77 19.51 -9.04
O2 GOL E . -2.74 20.28 -10.23
C3 GOL E . -1.33 19.23 -8.60
O3 GOL E . -1.21 19.20 -7.20
C1 GOL F . -3.84 1.35 13.09
O1 GOL F . -2.73 1.30 12.20
C2 GOL F . -4.88 2.38 12.63
O2 GOL F . -6.14 1.76 12.61
C3 GOL F . -4.92 3.56 13.59
O3 GOL F . -5.30 4.76 12.91
C1 GOL G . -24.01 9.92 4.67
O1 GOL G . -25.26 10.53 4.92
C2 GOL G . -23.47 10.40 3.31
O2 GOL G . -23.60 9.42 2.31
C3 GOL G . -21.99 10.76 3.46
O3 GOL G . -21.31 10.35 2.31
#